data_5KO6
#
_entry.id   5KO6
#
_cell.length_a   98.640
_cell.length_b   98.640
_cell.length_c   98.640
_cell.angle_alpha   90.000
_cell.angle_beta   90.000
_cell.angle_gamma   90.000
#
_symmetry.space_group_name_H-M   'P 21 3'
#
loop_
_entity.id
_entity.type
_entity.pdbx_description
1 polymer 'Purine nucleoside phosphorylase'
2 non-polymer 6-AMINOPYRIMIDIN-2(1H)-ONE
3 non-polymer 1-O-phosphono-alpha-D-ribofuranose
4 water water
#
_entity_poly.entity_id   1
_entity_poly.type   'polypeptide(L)'
_entity_poly.pdbx_seq_one_letter_code
;MTTPVVANYENASMAADYIKRVSNVLPDIGIICGSGLGKLIEEIEERKVIPYINIPNFPKTTVAGHVGNLVLGSVGGRKI
VAMQGRLHMYEGYSNQEIALPIRVMKLLGVRVLLITNLAGGINRKLKSGDFVLIKGHINFPGLGLNNVLVGPNQDEFGPR
FPDLSNAYDRLLQQLALKIAQENDFQDLVHEGVYAFNGGPTYESPDESNMLLKLGCDVVGMSTVPEVIIACHCGIKVLAV
SLIANNSILDAENDVSINHEKVLAVAEKRADLLQMWFKEIITRLPLD
;
_entity_poly.pdbx_strand_id   A
#
loop_
_chem_comp.id
_chem_comp.type
_chem_comp.name
_chem_comp.formula
CYT non-polymer 6-AMINOPYRIMIDIN-2(1H)-ONE 'C4 H5 N3 O'
R1P D-saccharide, alpha linking 1-O-phosphono-alpha-D-ribofuranose 'C5 H11 O8 P'
#
# COMPACT_ATOMS: atom_id res chain seq x y z
N THR A 3 -2.63 23.46 -6.83
CA THR A 3 -1.34 24.11 -6.62
C THR A 3 -0.10 23.20 -6.78
N PRO A 4 -0.13 21.96 -6.21
CA PRO A 4 -1.12 21.18 -5.46
C PRO A 4 -1.48 21.74 -4.08
N VAL A 5 -2.70 21.45 -3.64
CA VAL A 5 -3.19 21.97 -2.37
C VAL A 5 -2.51 21.24 -1.20
N VAL A 6 -2.51 21.89 -0.05
CA VAL A 6 -1.90 21.31 1.15
C VAL A 6 -2.83 20.25 1.74
N ALA A 7 -2.25 19.15 2.22
CA ALA A 7 -3.02 18.07 2.85
C ALA A 7 -3.37 18.43 4.30
N ASN A 8 -4.06 19.54 4.45
CA ASN A 8 -4.42 20.06 5.75
C ASN A 8 -5.83 19.63 6.16
N TYR A 9 -6.19 20.03 7.38
CA TYR A 9 -7.47 19.63 7.96
C TYR A 9 -8.64 20.17 7.15
N GLU A 10 -8.59 21.45 6.76
CA GLU A 10 -9.69 22.04 5.99
C GLU A 10 -9.86 21.36 4.64
N ASN A 11 -8.76 21.13 3.93
CA ASN A 11 -8.87 20.58 2.59
C ASN A 11 -9.32 19.12 2.61
N ALA A 12 -8.80 18.34 3.56
CA ALA A 12 -9.24 16.96 3.70
C ALA A 12 -10.72 16.89 4.10
N SER A 13 -11.18 17.84 4.94
CA SER A 13 -12.57 17.86 5.35
C SER A 13 -13.49 18.16 4.17
N MET A 14 -13.06 19.06 3.29
CA MET A 14 -13.87 19.39 2.11
C MET A 14 -14.02 18.17 1.20
N ALA A 15 -12.96 17.39 1.04
CA ALA A 15 -13.08 16.18 0.24
C ALA A 15 -13.98 15.15 0.92
N ALA A 16 -13.81 14.96 2.23
CA ALA A 16 -14.64 14.02 2.96
C ALA A 16 -16.11 14.42 2.91
N ASP A 17 -16.41 15.71 3.05
CA ASP A 17 -17.78 16.19 2.93
C ASP A 17 -18.40 15.76 1.61
N TYR A 18 -17.67 15.96 0.51
CA TYR A 18 -18.18 15.58 -0.80
C TYR A 18 -18.45 14.09 -0.86
N ILE A 19 -17.49 13.27 -0.40
CA ILE A 19 -17.64 11.82 -0.45
C ILE A 19 -18.83 11.36 0.38
N LYS A 20 -19.00 11.93 1.57
CA LYS A 20 -20.16 11.57 2.40
C LYS A 20 -21.47 11.92 1.71
N ARG A 21 -21.49 13.01 0.92
CA ARG A 21 -22.73 13.37 0.25
C ARG A 21 -23.04 12.45 -0.92
N VAL A 22 -22.02 11.93 -1.59
CA VAL A 22 -22.21 11.10 -2.77
C VAL A 22 -22.43 9.63 -2.40
N SER A 23 -21.88 9.17 -1.28
CA SER A 23 -22.13 7.83 -0.78
C SER A 23 -22.54 7.92 0.68
N ASN A 24 -23.43 7.03 1.09
CA ASN A 24 -23.78 6.90 2.50
C ASN A 24 -22.92 5.89 3.22
N VAL A 25 -21.77 5.54 2.65
CA VAL A 25 -20.86 4.58 3.25
C VAL A 25 -19.92 5.32 4.18
N LEU A 26 -19.95 4.96 5.46
CA LEU A 26 -18.92 5.38 6.38
C LEU A 26 -17.95 4.22 6.51
N PRO A 27 -16.80 4.25 5.85
CA PRO A 27 -15.92 3.08 5.83
C PRO A 27 -15.09 2.98 7.09
N ASP A 28 -14.85 1.73 7.50
CA ASP A 28 -13.99 1.42 8.64
C ASP A 28 -12.62 0.95 8.21
N ILE A 29 -12.48 0.48 6.97
CA ILE A 29 -11.27 -0.13 6.46
C ILE A 29 -10.94 0.52 5.13
N GLY A 30 -9.67 0.84 4.90
CA GLY A 30 -9.19 1.33 3.63
C GLY A 30 -8.33 0.26 2.99
N ILE A 31 -8.33 0.22 1.65
CA ILE A 31 -7.46 -0.69 0.91
C ILE A 31 -6.76 0.03 -0.23
N ILE A 32 -5.50 -0.30 -0.44
CA ILE A 32 -4.69 0.21 -1.56
C ILE A 32 -4.00 -1.01 -2.13
N CYS A 33 -4.19 -1.25 -3.42
CA CYS A 33 -3.82 -2.52 -4.03
C CYS A 33 -2.67 -2.34 -5.02
N GLY A 34 -1.83 -3.37 -5.09
CA GLY A 34 -0.64 -3.33 -5.92
C GLY A 34 -0.95 -3.55 -7.39
N SER A 35 0.13 -3.46 -8.20
CA SER A 35 0.02 -3.62 -9.65
C SER A 35 -0.63 -4.95 -10.01
N GLY A 36 -1.75 -4.91 -10.73
CA GLY A 36 -2.44 -6.14 -11.12
C GLY A 36 -3.19 -6.84 -10.01
N LEU A 37 -3.33 -6.21 -8.85
CA LEU A 37 -3.92 -6.85 -7.67
C LEU A 37 -5.22 -6.16 -7.24
N GLY A 38 -5.93 -5.56 -8.19
CA GLY A 38 -7.07 -4.74 -7.84
C GLY A 38 -8.42 -5.38 -8.01
N LYS A 39 -8.50 -6.68 -8.27
CA LYS A 39 -9.78 -7.30 -8.59
C LYS A 39 -10.77 -7.23 -7.43
N LEU A 40 -10.30 -7.28 -6.18
CA LEU A 40 -11.21 -7.17 -5.05
C LEU A 40 -12.05 -5.90 -5.12
N ILE A 41 -11.48 -4.80 -5.63
CA ILE A 41 -12.21 -3.55 -5.76
C ILE A 41 -13.42 -3.73 -6.66
N GLU A 42 -13.28 -4.53 -7.72
CA GLU A 42 -14.40 -4.79 -8.61
C GLU A 42 -15.48 -5.66 -7.98
N GLU A 43 -15.18 -6.31 -6.86
CA GLU A 43 -16.14 -7.16 -6.16
C GLU A 43 -16.70 -6.51 -4.90
N ILE A 44 -16.42 -5.22 -4.68
CA ILE A 44 -17.06 -4.51 -3.58
C ILE A 44 -18.56 -4.46 -3.82
N GLU A 45 -19.33 -4.79 -2.79
CA GLU A 45 -20.78 -4.88 -2.92
C GLU A 45 -21.43 -3.52 -2.68
N GLU A 46 -22.56 -3.31 -3.36
CA GLU A 46 -23.30 -2.04 -3.29
C GLU A 46 -22.35 -0.85 -3.45
N ARG A 47 -21.51 -0.94 -4.48
CA ARG A 47 -20.36 -0.06 -4.59
C ARG A 47 -20.73 1.29 -5.20
N LYS A 48 -19.96 2.30 -4.80
CA LYS A 48 -20.07 3.65 -5.34
C LYS A 48 -18.70 4.06 -5.83
N VAL A 49 -18.59 4.32 -7.13
CA VAL A 49 -17.33 4.69 -7.76
C VAL A 49 -17.29 6.20 -7.90
N ILE A 50 -16.28 6.83 -7.31
CA ILE A 50 -16.16 8.28 -7.32
C ILE A 50 -14.83 8.65 -7.98
N PRO A 51 -14.83 9.18 -9.21
CA PRO A 51 -13.56 9.58 -9.83
C PRO A 51 -12.82 10.60 -8.97
N TYR A 52 -11.51 10.39 -8.82
CA TYR A 52 -10.70 11.38 -8.09
C TYR A 52 -10.96 12.78 -8.61
N ILE A 53 -11.10 12.92 -9.94
CA ILE A 53 -11.23 14.24 -10.55
C ILE A 53 -12.50 14.95 -10.10
N ASN A 54 -13.48 14.19 -9.58
CA ASN A 54 -14.72 14.79 -9.06
C ASN A 54 -14.61 15.25 -7.61
N ILE A 55 -13.58 14.82 -6.88
CA ILE A 55 -13.52 15.03 -5.44
C ILE A 55 -12.75 16.31 -5.17
N PRO A 56 -13.33 17.30 -4.48
CA PRO A 56 -12.59 18.51 -4.14
C PRO A 56 -11.26 18.19 -3.48
N ASN A 57 -10.20 18.85 -3.96
CA ASN A 57 -8.85 18.79 -3.42
C ASN A 57 -8.10 17.49 -3.67
N PHE A 58 -8.69 16.50 -4.35
CA PHE A 58 -7.93 15.30 -4.67
C PHE A 58 -6.85 15.63 -5.71
N PRO A 59 -5.72 14.93 -5.66
CA PRO A 59 -4.61 15.27 -6.57
C PRO A 59 -4.96 14.99 -8.02
N LYS A 60 -4.46 15.86 -8.90
CA LYS A 60 -4.63 15.69 -10.32
C LYS A 60 -3.79 14.51 -10.79
N THR A 61 -4.40 13.57 -11.52
CA THR A 61 -3.69 12.39 -11.98
C THR A 61 -3.75 12.21 -13.49
N THR A 62 -4.18 13.25 -14.22
CA THR A 62 -4.37 13.13 -15.66
C THR A 62 -3.05 13.08 -16.42
N VAL A 63 -1.95 13.60 -15.87
CA VAL A 63 -0.69 13.48 -16.61
C VAL A 63 -0.28 12.02 -16.71
N ALA A 64 -0.29 11.30 -15.58
CA ALA A 64 -0.06 9.87 -15.63
C ALA A 64 -1.18 9.14 -16.37
N GLY A 65 -2.41 9.62 -16.24
CA GLY A 65 -3.56 8.97 -16.81
C GLY A 65 -3.89 7.69 -16.05
N HIS A 66 -4.64 6.82 -16.75
CA HIS A 66 -5.09 5.55 -16.21
C HIS A 66 -6.14 5.76 -15.11
N VAL A 67 -6.64 4.67 -14.53
CA VAL A 67 -7.78 4.76 -13.62
C VAL A 67 -7.43 5.56 -12.37
N GLY A 68 -8.39 6.31 -11.88
CA GLY A 68 -8.26 7.03 -10.63
C GLY A 68 -9.61 7.25 -9.98
N ASN A 69 -10.06 6.28 -9.19
CA ASN A 69 -11.36 6.31 -8.54
C ASN A 69 -11.22 5.95 -7.08
N LEU A 70 -12.05 6.58 -6.24
CA LEU A 70 -12.30 6.11 -4.89
C LEU A 70 -13.55 5.25 -4.94
N VAL A 71 -13.46 4.02 -4.42
CA VAL A 71 -14.58 3.09 -4.48
C VAL A 71 -15.01 2.73 -3.06
N LEU A 72 -16.28 2.93 -2.75
CA LEU A 72 -16.82 2.64 -1.42
C LEU A 72 -17.93 1.61 -1.50
N GLY A 73 -18.02 0.79 -0.45
CA GLY A 73 -19.06 -0.23 -0.41
C GLY A 73 -18.74 -1.24 0.68
N SER A 74 -19.23 -2.46 0.49
CA SER A 74 -19.10 -3.49 1.51
C SER A 74 -18.32 -4.69 0.97
N VAL A 75 -17.46 -5.24 1.82
CA VAL A 75 -16.80 -6.52 1.59
C VAL A 75 -16.87 -7.31 2.88
N GLY A 76 -17.37 -8.55 2.79
CA GLY A 76 -17.42 -9.41 3.97
C GLY A 76 -18.16 -8.82 5.13
N GLY A 77 -19.22 -8.06 4.88
CA GLY A 77 -19.98 -7.43 5.94
C GLY A 77 -19.37 -6.16 6.51
N ARG A 78 -18.23 -5.70 6.00
CA ARG A 78 -17.57 -4.52 6.50
C ARG A 78 -17.63 -3.40 5.47
N LYS A 79 -17.69 -2.17 5.96
CA LYS A 79 -17.71 -1.00 5.07
C LYS A 79 -16.28 -0.61 4.75
N ILE A 80 -15.97 -0.49 3.46
CA ILE A 80 -14.60 -0.21 3.04
C ILE A 80 -14.55 0.92 2.02
N VAL A 81 -13.36 1.52 1.91
CA VAL A 81 -13.02 2.47 0.87
C VAL A 81 -11.70 2.04 0.23
N ALA A 82 -11.67 2.00 -1.10
CA ALA A 82 -10.49 1.58 -1.85
C ALA A 82 -10.01 2.71 -2.75
N MET A 83 -8.69 2.83 -2.89
CA MET A 83 -8.09 3.65 -3.94
C MET A 83 -7.89 2.77 -5.16
N GLN A 84 -8.61 3.07 -6.24
CA GLN A 84 -8.47 2.34 -7.49
C GLN A 84 -7.59 3.19 -8.40
N GLY A 85 -6.30 2.84 -8.47
CA GLY A 85 -5.34 3.71 -9.12
C GLY A 85 -4.48 4.38 -8.07
N ARG A 86 -3.44 3.66 -7.66
CA ARG A 86 -2.58 4.10 -6.58
C ARG A 86 -1.69 5.25 -7.03
N LEU A 87 -1.38 6.16 -6.11
CA LEU A 87 -0.45 7.25 -6.39
C LEU A 87 0.96 6.82 -5.97
N HIS A 88 1.89 6.80 -6.92
CA HIS A 88 3.28 6.45 -6.65
C HIS A 88 4.14 7.69 -6.73
N MET A 89 5.08 7.80 -5.79
CA MET A 89 5.92 9.01 -5.74
C MET A 89 6.88 9.12 -6.92
N TYR A 90 7.26 8.01 -7.57
CA TYR A 90 8.10 8.14 -8.78
C TYR A 90 7.38 8.86 -9.92
N GLU A 91 6.06 9.05 -9.82
CA GLU A 91 5.36 9.84 -10.84
C GLU A 91 5.57 11.32 -10.65
N GLY A 92 6.12 11.74 -9.52
CA GLY A 92 6.30 13.15 -9.23
C GLY A 92 5.27 13.75 -8.30
N TYR A 93 4.33 12.94 -7.80
CA TYR A 93 3.36 13.46 -6.83
C TYR A 93 4.07 13.98 -5.61
N SER A 94 3.60 15.11 -5.10
CA SER A 94 4.23 15.71 -3.94
C SER A 94 3.79 15.04 -2.66
N ASN A 95 4.48 15.40 -1.57
CA ASN A 95 4.10 14.92 -0.25
C ASN A 95 2.66 15.25 0.07
N GLN A 96 2.18 16.42 -0.37
CA GLN A 96 0.81 16.82 -0.06
C GLN A 96 -0.18 15.98 -0.86
N GLU A 97 0.18 15.62 -2.09
CA GLU A 97 -0.72 14.85 -2.93
C GLU A 97 -0.86 13.42 -2.41
N ILE A 98 0.24 12.83 -1.92
CA ILE A 98 0.16 11.50 -1.35
C ILE A 98 -0.64 11.51 -0.07
N ALA A 99 -0.45 12.53 0.77
CA ALA A 99 -1.03 12.47 2.11
C ALA A 99 -2.53 12.71 2.08
N LEU A 100 -3.03 13.55 1.17
CA LEU A 100 -4.43 13.96 1.25
C LEU A 100 -5.39 12.78 1.19
N PRO A 101 -5.27 11.84 0.25
CA PRO A 101 -6.27 10.74 0.23
C PRO A 101 -6.27 9.91 1.50
N ILE A 102 -5.12 9.69 2.12
CA ILE A 102 -5.09 8.88 3.33
C ILE A 102 -5.73 9.65 4.48
N ARG A 103 -5.49 10.96 4.54
CA ARG A 103 -6.11 11.77 5.59
C ARG A 103 -7.61 11.90 5.38
N VAL A 104 -8.07 11.90 4.12
CA VAL A 104 -9.51 11.81 3.86
C VAL A 104 -10.07 10.49 4.36
N MET A 105 -9.36 9.38 4.10
CA MET A 105 -9.78 8.10 4.69
C MET A 105 -9.94 8.21 6.19
N LYS A 106 -8.97 8.83 6.87
CA LYS A 106 -9.07 8.99 8.32
C LYS A 106 -10.34 9.75 8.70
N LEU A 107 -10.61 10.88 8.04
CA LEU A 107 -11.81 11.64 8.39
C LEU A 107 -13.09 10.86 8.09
N LEU A 108 -13.06 9.98 7.08
CA LEU A 108 -14.25 9.20 6.75
C LEU A 108 -14.53 8.12 7.76
N GLY A 109 -13.54 7.75 8.58
CA GLY A 109 -13.73 6.75 9.62
C GLY A 109 -12.75 5.60 9.56
N VAL A 110 -11.81 5.59 8.63
CA VAL A 110 -10.93 4.44 8.46
C VAL A 110 -10.03 4.30 9.67
N ARG A 111 -10.00 3.11 10.25
CA ARG A 111 -9.06 2.81 11.33
C ARG A 111 -8.04 1.74 10.99
N VAL A 112 -8.21 1.02 9.88
CA VAL A 112 -7.28 -0.01 9.43
C VAL A 112 -7.09 0.15 7.92
N LEU A 113 -5.83 0.16 7.47
CA LEU A 113 -5.47 0.26 6.06
C LEU A 113 -4.75 -1.02 5.66
N LEU A 114 -5.27 -1.71 4.64
CA LEU A 114 -4.67 -2.91 4.10
C LEU A 114 -4.02 -2.57 2.76
N ILE A 115 -2.75 -2.95 2.59
CA ILE A 115 -1.96 -2.55 1.43
C ILE A 115 -1.31 -3.78 0.83
N THR A 116 -1.36 -3.89 -0.51
CA THR A 116 -0.54 -4.86 -1.23
C THR A 116 0.39 -4.14 -2.20
N ASN A 117 1.48 -4.81 -2.55
CA ASN A 117 2.38 -4.31 -3.57
C ASN A 117 3.09 -5.48 -4.24
N LEU A 118 3.70 -5.21 -5.38
CA LEU A 118 4.62 -6.14 -6.05
C LEU A 118 6.03 -5.65 -5.74
N ALA A 119 6.92 -6.59 -5.41
CA ALA A 119 8.25 -6.22 -4.96
C ALA A 119 9.28 -7.23 -5.46
N GLY A 120 10.54 -6.81 -5.44
CA GLY A 120 11.65 -7.70 -5.72
C GLY A 120 12.14 -8.38 -4.46
N GLY A 121 12.48 -9.66 -4.58
CA GLY A 121 12.99 -10.42 -3.45
C GLY A 121 14.48 -10.22 -3.31
N ILE A 122 14.91 -9.91 -2.08
CA ILE A 122 16.32 -9.82 -1.74
C ILE A 122 16.76 -11.02 -0.90
N ASN A 123 15.98 -11.37 0.12
CA ASN A 123 16.26 -12.55 0.91
C ASN A 123 16.34 -13.77 0.01
N ARG A 124 17.37 -14.59 0.22
CA ARG A 124 17.55 -15.76 -0.61
C ARG A 124 16.43 -16.78 -0.47
N LYS A 125 15.63 -16.72 0.62
CA LYS A 125 14.53 -17.67 0.77
C LYS A 125 13.36 -17.38 -0.16
N LEU A 126 13.29 -16.20 -0.78
CA LEU A 126 12.08 -15.76 -1.46
C LEU A 126 12.08 -16.16 -2.93
N LYS A 127 10.96 -16.73 -3.38
CA LYS A 127 10.75 -17.13 -4.75
C LYS A 127 9.63 -16.30 -5.37
N SER A 128 9.64 -16.20 -6.69
CA SER A 128 8.54 -15.55 -7.39
CA SER A 128 8.53 -15.56 -7.40
CA SER A 128 8.53 -15.56 -7.40
C SER A 128 7.22 -16.19 -6.96
N GLY A 129 6.23 -15.35 -6.72
CA GLY A 129 4.94 -15.81 -6.26
C GLY A 129 4.79 -15.94 -4.76
N ASP A 130 5.85 -15.73 -3.98
CA ASP A 130 5.73 -15.76 -2.53
C ASP A 130 5.12 -14.45 -2.02
N PHE A 131 4.56 -14.52 -0.80
CA PHE A 131 4.04 -13.34 -0.11
C PHE A 131 4.93 -13.01 1.08
N VAL A 132 5.15 -11.72 1.33
CA VAL A 132 5.92 -11.27 2.48
C VAL A 132 5.05 -10.31 3.29
N LEU A 133 4.76 -10.69 4.53
CA LEU A 133 4.14 -9.77 5.48
C LEU A 133 5.21 -8.77 5.92
N ILE A 134 4.96 -7.49 5.69
CA ILE A 134 5.98 -6.48 5.98
C ILE A 134 5.98 -6.18 7.46
N LYS A 135 7.13 -6.34 8.11
CA LYS A 135 7.25 -6.11 9.55
C LYS A 135 8.06 -4.89 9.90
N GLY A 136 8.69 -4.25 8.92
CA GLY A 136 9.46 -3.02 9.12
C GLY A 136 9.98 -2.57 7.77
N HIS A 137 10.65 -1.42 7.77
CA HIS A 137 11.11 -0.90 6.48
C HIS A 137 12.44 -0.14 6.61
N ILE A 138 13.08 0.03 5.47
CA ILE A 138 14.22 0.93 5.32
C ILE A 138 13.84 1.95 4.27
N ASN A 139 13.68 3.19 4.70
CA ASN A 139 13.07 4.25 3.90
C ASN A 139 14.20 5.14 3.36
N PHE A 140 14.76 4.76 2.22
CA PHE A 140 15.85 5.56 1.66
C PHE A 140 15.42 7.00 1.37
N PRO A 141 14.25 7.24 0.77
CA PRO A 141 13.81 8.63 0.61
C PRO A 141 13.73 9.37 1.95
N GLY A 142 13.24 8.72 3.00
CA GLY A 142 13.14 9.40 4.29
C GLY A 142 14.49 9.77 4.87
N LEU A 143 15.44 8.83 4.85
CA LEU A 143 16.78 9.20 5.29
C LEU A 143 17.32 10.36 4.47
N GLY A 144 16.98 10.42 3.18
CA GLY A 144 17.59 11.39 2.27
C GLY A 144 16.82 12.68 2.05
N LEU A 145 15.97 13.09 2.98
CA LEU A 145 15.23 14.37 2.98
C LEU A 145 14.03 14.37 2.03
N ASN A 146 13.60 13.18 1.58
CA ASN A 146 12.38 13.05 0.78
C ASN A 146 11.31 12.24 1.52
N ASN A 147 11.33 12.24 2.85
CA ASN A 147 10.24 11.61 3.60
C ASN A 147 8.93 12.25 3.20
N VAL A 148 7.87 11.44 3.14
CA VAL A 148 6.54 11.93 2.79
C VAL A 148 6.02 12.98 3.77
N LEU A 149 6.59 13.08 4.98
CA LEU A 149 6.15 14.07 5.95
C LEU A 149 6.99 15.35 5.94
N VAL A 150 8.00 15.46 5.07
CA VAL A 150 8.73 16.73 4.99
C VAL A 150 7.77 17.84 4.61
N GLY A 151 7.85 18.94 5.35
CA GLY A 151 6.92 20.05 5.22
C GLY A 151 6.37 20.39 6.59
N PRO A 152 5.52 21.40 6.65
CA PRO A 152 4.90 21.74 7.94
C PRO A 152 4.11 20.54 8.45
N ASN A 153 4.11 20.38 9.77
CA ASN A 153 3.26 19.34 10.34
C ASN A 153 1.80 19.78 10.36
N GLN A 154 0.90 18.85 10.02
CA GLN A 154 -0.53 19.08 10.15
C GLN A 154 -0.96 18.49 11.49
N ASP A 155 -1.00 19.36 12.50
CA ASP A 155 -1.16 18.91 13.89
C ASP A 155 -2.48 18.19 14.12
N GLU A 156 -3.53 18.55 13.38
CA GLU A 156 -4.82 17.91 13.58
C GLU A 156 -4.78 16.43 13.23
N PHE A 157 -3.79 16.00 12.44
CA PHE A 157 -3.67 14.61 12.06
C PHE A 157 -2.69 13.81 12.90
N GLY A 158 -1.61 14.42 13.38
CA GLY A 158 -0.63 13.66 14.11
C GLY A 158 0.53 14.51 14.54
N PRO A 159 1.51 13.87 15.17
CA PRO A 159 2.63 14.59 15.79
C PRO A 159 3.71 14.95 14.78
N ARG A 160 4.53 15.93 15.17
CA ARG A 160 5.63 16.36 14.31
C ARG A 160 6.61 15.22 14.04
N PHE A 161 6.88 14.38 15.05
CA PHE A 161 7.91 13.34 14.97
C PHE A 161 7.29 11.99 15.27
N PRO A 162 6.73 11.30 14.27
CA PRO A 162 6.16 9.97 14.56
C PRO A 162 7.24 8.93 14.80
N ASP A 163 6.92 7.99 15.69
CA ASP A 163 7.70 6.78 15.89
C ASP A 163 7.08 5.69 15.02
N LEU A 164 7.92 5.00 14.23
CA LEU A 164 7.44 4.00 13.30
C LEU A 164 7.68 2.57 13.79
N SER A 165 8.14 2.39 15.02
CA SER A 165 8.46 1.05 15.50
C SER A 165 7.23 0.14 15.57
N ASN A 166 6.02 0.71 15.64
CA ASN A 166 4.78 -0.05 15.62
C ASN A 166 3.92 0.28 14.40
N ALA A 167 4.54 0.67 13.29
CA ALA A 167 3.77 1.07 12.10
C ALA A 167 3.05 -0.11 11.45
N TYR A 168 3.62 -1.31 11.54
CA TYR A 168 3.04 -2.52 10.96
C TYR A 168 2.48 -3.35 12.10
N ASP A 169 1.14 -3.30 12.26
CA ASP A 169 0.46 -3.93 13.38
C ASP A 169 0.77 -5.43 13.48
N ARG A 170 1.21 -5.87 14.67
CA ARG A 170 1.59 -7.27 14.83
C ARG A 170 0.39 -8.20 14.80
N LEU A 171 -0.73 -7.79 15.43
CA LEU A 171 -1.92 -8.64 15.43
C LEU A 171 -2.46 -8.85 14.01
N LEU A 172 -2.37 -7.83 13.16
CA LEU A 172 -2.82 -7.99 11.77
C LEU A 172 -1.93 -8.96 11.00
N GLN A 173 -0.61 -8.89 11.22
CA GLN A 173 0.26 -9.88 10.60
C GLN A 173 -0.09 -11.28 11.08
N GLN A 174 -0.35 -11.42 12.38
CA GLN A 174 -0.71 -12.73 12.92
C GLN A 174 -2.01 -13.25 12.34
N LEU A 175 -3.00 -12.36 12.15
CA LEU A 175 -4.27 -12.79 11.56
C LEU A 175 -4.09 -13.21 10.11
N ALA A 176 -3.31 -12.43 9.34
CA ALA A 176 -3.05 -12.79 7.96
C ALA A 176 -2.41 -14.17 7.87
N LEU A 177 -1.42 -14.43 8.74
CA LEU A 177 -0.75 -15.72 8.73
C LEU A 177 -1.70 -16.84 9.14
N LYS A 178 -2.55 -16.59 10.14
CA LYS A 178 -3.49 -17.61 10.58
C LYS A 178 -4.42 -18.05 9.45
N ILE A 179 -4.88 -17.09 8.64
CA ILE A 179 -5.77 -17.39 7.53
C ILE A 179 -5.03 -18.19 6.46
N ALA A 180 -3.78 -17.84 6.19
CA ALA A 180 -2.98 -18.63 5.25
C ALA A 180 -2.81 -20.07 5.74
N GLN A 181 -2.57 -20.24 7.04
CA GLN A 181 -2.48 -21.58 7.61
C GLN A 181 -3.80 -22.34 7.48
N GLU A 182 -4.92 -21.66 7.71
CA GLU A 182 -6.22 -22.32 7.60
C GLU A 182 -6.48 -22.83 6.19
N ASN A 183 -5.95 -22.14 5.18
CA ASN A 183 -6.14 -22.49 3.78
C ASN A 183 -4.95 -23.24 3.19
N ASP A 184 -3.96 -23.58 4.01
CA ASP A 184 -2.82 -24.40 3.60
C ASP A 184 -1.97 -23.74 2.51
N PHE A 185 -1.85 -22.42 2.55
CA PHE A 185 -0.85 -21.75 1.72
C PHE A 185 0.22 -21.03 2.53
N GLN A 186 0.38 -21.41 3.79
CA GLN A 186 1.39 -20.76 4.62
C GLN A 186 2.80 -21.00 4.13
N ASP A 187 3.03 -22.04 3.30
CA ASP A 187 4.35 -22.25 2.72
C ASP A 187 4.75 -21.12 1.77
N LEU A 188 3.79 -20.33 1.31
CA LEU A 188 4.08 -19.16 0.48
C LEU A 188 4.37 -17.90 1.28
N VAL A 189 4.11 -17.91 2.59
CA VAL A 189 4.07 -16.69 3.39
C VAL A 189 5.34 -16.57 4.23
N HIS A 190 5.99 -15.41 4.14
CA HIS A 190 7.16 -15.06 4.92
C HIS A 190 6.88 -13.73 5.61
N GLU A 191 7.82 -13.30 6.43
CA GLU A 191 7.81 -11.94 6.96
C GLU A 191 9.13 -11.29 6.60
N GLY A 192 9.14 -9.96 6.51
CA GLY A 192 10.38 -9.34 6.07
C GLY A 192 10.37 -7.84 6.17
N VAL A 193 11.57 -7.28 5.98
CA VAL A 193 11.81 -5.84 5.97
C VAL A 193 11.79 -5.33 4.53
N TYR A 194 11.02 -4.27 4.30
CA TYR A 194 10.82 -3.69 2.97
C TYR A 194 11.73 -2.49 2.77
N ALA A 195 12.55 -2.52 1.72
CA ALA A 195 13.34 -1.36 1.33
C ALA A 195 12.56 -0.55 0.31
N PHE A 196 12.40 0.75 0.58
CA PHE A 196 11.74 1.67 -0.35
C PHE A 196 12.80 2.25 -1.29
N ASN A 197 12.76 1.80 -2.55
CA ASN A 197 13.49 2.40 -3.66
C ASN A 197 12.55 3.38 -4.34
N GLY A 198 12.88 4.67 -4.30
CA GLY A 198 11.99 5.67 -4.90
C GLY A 198 11.60 5.35 -6.33
N GLY A 199 12.52 4.80 -7.11
CA GLY A 199 12.20 4.39 -8.47
C GLY A 199 12.28 5.54 -9.47
N PRO A 200 11.85 5.33 -10.72
CA PRO A 200 11.11 4.17 -11.23
C PRO A 200 11.97 3.10 -11.87
N THR A 201 13.29 3.26 -11.94
CA THR A 201 14.13 2.16 -12.38
C THR A 201 14.16 1.08 -11.31
N TYR A 202 14.09 -0.18 -11.74
CA TYR A 202 14.28 -1.27 -10.81
C TYR A 202 15.65 -1.16 -10.15
N GLU A 203 15.74 -1.69 -8.94
CA GLU A 203 17.02 -1.77 -8.25
C GLU A 203 18.05 -2.40 -9.18
N SER A 204 19.23 -1.76 -9.29
CA SER A 204 20.30 -2.30 -10.10
C SER A 204 20.88 -3.53 -9.42
N PRO A 205 21.59 -4.40 -10.16
CA PRO A 205 22.18 -5.57 -9.52
C PRO A 205 23.06 -5.24 -8.33
N ASP A 206 23.85 -4.17 -8.44
CA ASP A 206 24.71 -3.78 -7.32
C ASP A 206 23.91 -3.15 -6.19
N GLU A 207 22.82 -2.46 -6.50
CA GLU A 207 21.94 -2.01 -5.42
C GLU A 207 21.31 -3.19 -4.70
N SER A 208 20.91 -4.22 -5.44
CA SER A 208 20.34 -5.40 -4.80
C SER A 208 21.34 -6.02 -3.84
N ASN A 209 22.59 -6.15 -4.28
CA ASN A 209 23.62 -6.72 -3.42
C ASN A 209 23.81 -5.86 -2.18
N MET A 210 23.76 -4.54 -2.33
CA MET A 210 23.86 -3.67 -1.16
C MET A 210 22.69 -3.89 -0.21
N LEU A 211 21.47 -4.02 -0.75
CA LEU A 211 20.31 -4.20 0.12
C LEU A 211 20.40 -5.48 0.93
N LEU A 212 20.94 -6.53 0.33
CA LEU A 212 21.14 -7.77 1.07
C LEU A 212 22.05 -7.54 2.27
N LYS A 213 23.14 -6.80 2.07
CA LYS A 213 24.09 -6.54 3.14
C LYS A 213 23.47 -5.73 4.26
N LEU A 214 22.46 -4.92 3.95
CA LEU A 214 21.87 -3.98 4.90
C LEU A 214 20.66 -4.54 5.65
N GLY A 215 20.33 -5.81 5.44
CA GLY A 215 19.23 -6.43 6.15
C GLY A 215 17.87 -6.30 5.49
N CYS A 216 17.82 -6.02 4.20
CA CYS A 216 16.54 -5.89 3.51
C CYS A 216 16.10 -7.25 2.98
N ASP A 217 14.80 -7.52 3.09
CA ASP A 217 14.25 -8.76 2.56
C ASP A 217 13.59 -8.59 1.21
N VAL A 218 12.96 -7.43 0.97
CA VAL A 218 12.27 -7.15 -0.29
C VAL A 218 12.52 -5.68 -0.61
N VAL A 219 12.29 -5.30 -1.87
CA VAL A 219 12.49 -3.92 -2.31
C VAL A 219 11.37 -3.56 -3.28
N GLY A 220 10.83 -2.35 -3.12
CA GLY A 220 9.79 -1.90 -4.02
C GLY A 220 9.70 -0.38 -4.00
N MET A 221 8.75 0.15 -4.78
CA MET A 221 8.68 1.58 -5.06
C MET A 221 7.43 2.23 -4.48
N SER A 222 6.81 1.61 -3.49
CA SER A 222 5.55 2.14 -2.98
C SER A 222 5.48 1.86 -1.49
N THR A 223 4.27 2.04 -0.94
CA THR A 223 3.86 1.49 0.34
C THR A 223 4.37 2.31 1.52
N VAL A 224 5.69 2.51 1.63
CA VAL A 224 6.22 3.26 2.78
C VAL A 224 5.59 4.64 2.91
N PRO A 225 5.38 5.41 1.83
CA PRO A 225 4.75 6.75 2.04
C PRO A 225 3.36 6.63 2.66
N GLU A 226 2.54 5.70 2.18
CA GLU A 226 1.19 5.55 2.75
C GLU A 226 1.24 5.04 4.18
N VAL A 227 2.14 4.09 4.46
CA VAL A 227 2.32 3.59 5.82
C VAL A 227 2.62 4.74 6.76
N ILE A 228 3.50 5.66 6.34
CA ILE A 228 3.89 6.74 7.23
C ILE A 228 2.73 7.71 7.45
N ILE A 229 1.99 8.06 6.41
CA ILE A 229 0.84 8.95 6.60
C ILE A 229 -0.21 8.29 7.49
N ALA A 230 -0.46 7.00 7.28
CA ALA A 230 -1.40 6.27 8.13
C ALA A 230 -0.93 6.24 9.59
N CYS A 231 0.34 5.89 9.81
CA CYS A 231 0.87 5.84 11.18
C CYS A 231 0.77 7.20 11.85
N HIS A 232 1.09 8.26 11.11
CA HIS A 232 1.02 9.61 11.64
C HIS A 232 -0.37 9.93 12.18
N CYS A 233 -1.42 9.48 11.49
CA CYS A 233 -2.79 9.77 11.92
C CYS A 233 -3.48 8.61 12.65
N GLY A 234 -2.73 7.61 13.08
CA GLY A 234 -3.25 6.58 13.96
C GLY A 234 -4.05 5.50 13.29
N ILE A 235 -3.85 5.27 12.00
CA ILE A 235 -4.47 4.16 11.27
C ILE A 235 -3.51 2.98 11.33
N LYS A 236 -4.03 1.83 11.73
CA LYS A 236 -3.24 0.60 11.74
C LYS A 236 -3.08 0.07 10.33
N VAL A 237 -1.95 -0.60 10.08
CA VAL A 237 -1.58 -1.01 8.73
C VAL A 237 -1.20 -2.49 8.70
N LEU A 238 -1.67 -3.19 7.67
CA LEU A 238 -1.11 -4.45 7.22
C LEU A 238 -0.63 -4.24 5.79
N ALA A 239 0.63 -4.59 5.52
CA ALA A 239 1.17 -4.45 4.16
C ALA A 239 1.79 -5.77 3.75
N VAL A 240 1.42 -6.25 2.56
CA VAL A 240 1.85 -7.54 2.05
C VAL A 240 2.48 -7.33 0.68
N SER A 241 3.70 -7.82 0.51
CA SER A 241 4.38 -7.78 -0.78
C SER A 241 4.19 -9.12 -1.49
N LEU A 242 3.90 -9.07 -2.78
CA LEU A 242 3.95 -10.24 -3.65
C LEU A 242 5.27 -10.18 -4.39
N ILE A 243 6.04 -11.25 -4.32
CA ILE A 243 7.40 -11.25 -4.85
C ILE A 243 7.35 -11.55 -6.35
N ALA A 244 7.80 -10.59 -7.16
CA ALA A 244 7.80 -10.80 -8.61
C ALA A 244 8.99 -11.62 -9.08
N ASN A 245 10.09 -11.59 -8.34
CA ASN A 245 11.35 -12.13 -8.81
C ASN A 245 12.30 -12.08 -7.64
N ASN A 246 13.39 -12.84 -7.73
CA ASN A 246 14.46 -12.71 -6.75
C ASN A 246 15.60 -11.95 -7.39
N SER A 247 15.78 -10.69 -6.96
CA SER A 247 16.75 -9.82 -7.60
C SER A 247 18.18 -10.26 -7.35
N ILE A 248 18.43 -10.95 -6.23
CA ILE A 248 19.78 -11.42 -5.95
C ILE A 248 20.14 -12.56 -6.88
N LEU A 249 19.24 -13.54 -7.05
CA LEU A 249 19.48 -14.59 -8.03
C LEU A 249 19.57 -14.03 -9.43
N ASP A 250 18.70 -13.06 -9.77
CA ASP A 250 18.77 -12.48 -11.11
C ASP A 250 20.11 -11.82 -11.36
N ALA A 251 20.68 -11.17 -10.34
CA ALA A 251 21.99 -10.56 -10.49
C ALA A 251 23.05 -11.62 -10.73
N GLU A 252 22.96 -12.75 -10.02
CA GLU A 252 23.95 -13.80 -10.19
C GLU A 252 23.83 -14.48 -11.54
N ASN A 253 22.63 -14.50 -12.12
CA ASN A 253 22.38 -15.22 -13.36
C ASN A 253 22.17 -14.30 -14.57
N ASP A 254 22.35 -12.98 -14.41
CA ASP A 254 22.16 -12.03 -15.50
C ASP A 254 20.78 -12.14 -16.13
N VAL A 255 19.76 -12.19 -15.28
CA VAL A 255 18.37 -12.25 -15.71
C VAL A 255 17.74 -10.88 -15.50
N SER A 256 17.01 -10.41 -16.49
CA SER A 256 16.42 -9.08 -16.43
C SER A 256 15.05 -9.13 -15.76
N ILE A 257 14.56 -7.96 -15.38
CA ILE A 257 13.22 -7.82 -14.85
C ILE A 257 12.51 -6.76 -15.67
N ASN A 258 11.20 -6.92 -15.80
CA ASN A 258 10.39 -5.95 -16.52
C ASN A 258 8.97 -6.03 -15.99
N HIS A 259 8.19 -5.01 -16.34
CA HIS A 259 6.85 -4.89 -15.78
C HIS A 259 5.92 -5.97 -16.30
N GLU A 260 6.17 -6.48 -17.51
CA GLU A 260 5.37 -7.59 -18.01
C GLU A 260 5.56 -8.84 -17.17
N LYS A 261 6.80 -9.15 -16.76
CA LYS A 261 7.02 -10.26 -15.84
C LYS A 261 6.35 -10.01 -14.51
N VAL A 262 6.43 -8.78 -14.00
CA VAL A 262 5.77 -8.43 -12.74
C VAL A 262 4.28 -8.71 -12.83
N LEU A 263 3.64 -8.19 -13.87
CA LEU A 263 2.19 -8.36 -14.00
C LEU A 263 1.79 -9.81 -14.19
N ALA A 264 2.67 -10.62 -14.80
CA ALA A 264 2.35 -12.04 -14.94
C ALA A 264 2.33 -12.74 -13.58
N VAL A 265 3.25 -12.37 -12.67
CA VAL A 265 3.19 -12.92 -11.32
C VAL A 265 1.94 -12.44 -10.61
N ALA A 266 1.61 -11.16 -10.77
CA ALA A 266 0.37 -10.63 -10.19
C ALA A 266 -0.84 -11.44 -10.65
N GLU A 267 -0.94 -11.73 -11.94
CA GLU A 267 -2.05 -12.52 -12.45
C GLU A 267 -2.06 -13.92 -11.83
N LYS A 268 -0.88 -14.51 -11.62
CA LYS A 268 -0.80 -15.86 -11.09
C LYS A 268 -1.30 -15.94 -9.65
N ARG A 269 -1.15 -14.87 -8.87
CA ARG A 269 -1.56 -14.88 -7.47
C ARG A 269 -2.77 -13.99 -7.17
N ALA A 270 -3.32 -13.31 -8.17
CA ALA A 270 -4.36 -12.31 -7.91
C ALA A 270 -5.58 -12.92 -7.21
N ASP A 271 -6.02 -14.09 -7.67
CA ASP A 271 -7.25 -14.65 -7.12
C ASP A 271 -7.06 -15.13 -5.68
N LEU A 272 -5.90 -15.71 -5.39
CA LEU A 272 -5.61 -16.15 -4.03
C LEU A 272 -5.47 -14.97 -3.10
N LEU A 273 -4.82 -13.89 -3.56
CA LEU A 273 -4.66 -12.72 -2.71
C LEU A 273 -6.01 -12.07 -2.44
N GLN A 274 -6.88 -12.05 -3.45
CA GLN A 274 -8.22 -11.51 -3.28
C GLN A 274 -8.98 -12.26 -2.20
N MET A 275 -8.93 -13.60 -2.26
CA MET A 275 -9.65 -14.42 -1.28
C MET A 275 -9.07 -14.21 0.11
N TRP A 276 -7.74 -14.16 0.21
CA TRP A 276 -7.06 -13.94 1.49
C TRP A 276 -7.49 -12.62 2.10
N PHE A 277 -7.42 -11.54 1.32
CA PHE A 277 -7.78 -10.23 1.84
C PHE A 277 -9.26 -10.11 2.15
N LYS A 278 -10.13 -10.77 1.38
CA LYS A 278 -11.54 -10.80 1.73
C LYS A 278 -11.74 -11.42 3.10
N GLU A 279 -11.05 -12.53 3.38
CA GLU A 279 -11.17 -13.17 4.68
C GLU A 279 -10.57 -12.31 5.78
N ILE A 280 -9.44 -11.64 5.51
CA ILE A 280 -8.87 -10.74 6.50
C ILE A 280 -9.88 -9.65 6.88
N ILE A 281 -10.48 -9.01 5.88
CA ILE A 281 -11.48 -7.97 6.11
C ILE A 281 -12.61 -8.50 6.96
N THR A 282 -13.12 -9.69 6.61
CA THR A 282 -14.22 -10.29 7.35
C THR A 282 -13.85 -10.57 8.81
N ARG A 283 -12.57 -10.90 9.07
CA ARG A 283 -12.15 -11.39 10.38
C ARG A 283 -11.51 -10.33 11.27
N LEU A 284 -11.04 -9.20 10.72
CA LEU A 284 -10.16 -8.34 11.51
C LEU A 284 -10.94 -7.67 12.63
N PRO A 285 -10.35 -7.57 13.83
CA PRO A 285 -11.14 -7.26 15.03
C PRO A 285 -11.89 -5.93 14.93
N LEU A 286 -13.21 -5.99 15.18
CA LEU A 286 -14.06 -4.82 15.12
C LEU A 286 -13.84 -3.89 16.31
N ASP A 287 -12.58 -3.55 16.58
CA ASP A 287 -12.24 -2.64 17.67
C ASP A 287 -12.50 -1.20 17.24
N3 CYT B . 11.13 -4.36 -8.04
C4 CYT B . 10.87 -5.55 -8.60
N1 CYT B . 8.79 -3.89 -8.11
C2 CYT B . 10.10 -3.51 -7.77
O2 CYT B . 10.30 -2.41 -7.28
N4 CYT B . 11.90 -6.35 -8.85
C5 CYT B . 9.54 -5.96 -8.94
C6 CYT B . 8.54 -5.11 -8.67
C5 R1P C . 7.07 -1.97 -10.97
O5 R1P C . 6.94 -3.17 -11.64
C4 R1P C . 5.74 -1.59 -10.30
O4 R1P C . 5.36 -2.57 -9.49
C1 R1P C . 5.21 -1.94 -8.04
C2 R1P C . 6.14 -0.96 -8.01
O2 R1P C . 5.87 0.02 -6.94
C3 R1P C . 5.95 -0.33 -9.37
O3 R1P C . 4.85 0.48 -9.37
O1 R1P C . 3.96 -1.41 -7.94
P R1P C . 3.16 -1.57 -6.52
O1P R1P C . 2.06 -0.53 -6.53
O2P R1P C . 4.16 -1.31 -5.43
O3P R1P C . 2.61 -2.95 -6.51
#